data_8CU5
#
_entry.id   8CU5
#
_cell.length_a   137.220
_cell.length_b   137.220
_cell.length_c   143.260
_cell.angle_alpha   90.000
_cell.angle_beta   90.000
_cell.angle_gamma   90.000
#
_symmetry.space_group_name_H-M   'I 41 2 2'
#
loop_
_entity.id
_entity.type
_entity.pdbx_description
1 polymer 'Peptidyl-prolyl cis-trans isomerase'
2 non-polymer 1,2-ETHANEDIOL
3 non-polymer 'SULFATE ION'
4 water water
#
_entity_poly.entity_id   1
_entity_poly.type   'polypeptide(L)'
_entity_poly.pdbx_seq_one_letter_code
;MAHHHHHHMNAKEMATVTKKVYFDIAIGDKKIGRIEIGLFGNDVPKTVENFRALATGEKGFGYKGSKFHRVIKDFMIQGG
DFTRGDGTGGKSIYGDRFEDENFKLKHYGAGWLSMANAGKDTNGSQFFITTVQTTWLDGRHVVFGKVLSGMDVVRKIEQT
STHPGDRPKQSVEIVDCGELSLDAPFDTPKEAVA
;
_entity_poly.pdbx_strand_id   A,B,C
#
loop_
_chem_comp.id
_chem_comp.type
_chem_comp.name
_chem_comp.formula
EDO non-polymer 1,2-ETHANEDIOL 'C2 H6 O2'
SO4 non-polymer 'SULFATE ION' 'O4 S -2'
#
# COMPACT_ATOMS: atom_id res chain seq x y z
N LYS A 12 12.21 -25.03 -3.96
CA LYS A 12 13.35 -24.74 -3.10
C LYS A 12 13.39 -23.26 -2.74
N GLU A 13 13.37 -22.40 -3.76
CA GLU A 13 13.24 -20.96 -3.59
C GLU A 13 11.91 -20.44 -4.10
N MET A 14 11.07 -21.30 -4.68
CA MET A 14 9.73 -20.96 -5.14
C MET A 14 8.70 -21.80 -4.40
N ALA A 15 7.49 -21.26 -4.28
CA ALA A 15 6.35 -21.98 -3.76
C ALA A 15 5.21 -21.84 -4.76
N THR A 16 4.34 -22.85 -4.83
CA THR A 16 3.32 -22.95 -5.88
C THR A 16 1.99 -22.40 -5.37
N VAL A 17 1.53 -21.29 -5.95
CA VAL A 17 0.19 -20.79 -5.68
C VAL A 17 -0.81 -21.70 -6.38
N THR A 18 -1.79 -22.22 -5.64
CA THR A 18 -2.80 -23.10 -6.20
C THR A 18 -4.22 -22.55 -6.14
N LYS A 19 -4.46 -21.50 -5.34
CA LYS A 19 -5.76 -20.86 -5.23
CA LYS A 19 -5.76 -20.86 -5.22
C LYS A 19 -5.52 -19.37 -5.03
N LYS A 20 -6.54 -18.56 -5.37
CA LYS A 20 -6.48 -17.12 -5.16
C LYS A 20 -7.74 -16.63 -4.48
N VAL A 21 -7.58 -15.73 -3.51
CA VAL A 21 -8.72 -15.12 -2.86
C VAL A 21 -8.51 -13.61 -2.80
N TYR A 22 -9.59 -12.88 -2.54
CA TYR A 22 -9.52 -11.43 -2.48
C TYR A 22 -10.25 -10.92 -1.24
N PHE A 23 -9.72 -9.83 -0.70
CA PHE A 23 -10.34 -9.03 0.36
C PHE A 23 -10.49 -7.61 -0.15
N ASP A 24 -11.70 -7.07 -0.11
CA ASP A 24 -11.95 -5.70 -0.49
C ASP A 24 -12.10 -4.87 0.79
N ILE A 25 -11.31 -3.81 0.92
CA ILE A 25 -11.10 -3.14 2.20
C ILE A 25 -11.71 -1.75 2.17
N ALA A 26 -12.44 -1.41 3.22
CA ALA A 26 -12.81 -0.03 3.54
C ALA A 26 -12.22 0.33 4.91
N ILE A 27 -11.84 1.60 5.06
CA ILE A 27 -11.42 2.15 6.34
C ILE A 27 -12.38 3.30 6.61
N GLY A 28 -13.18 3.16 7.67
CA GLY A 28 -14.27 4.12 7.83
C GLY A 28 -15.21 4.03 6.64
N ASP A 29 -15.64 5.17 6.14
CA ASP A 29 -16.51 5.15 4.96
C ASP A 29 -15.74 5.14 3.65
N LYS A 30 -14.42 5.07 3.68
CA LYS A 30 -13.60 5.20 2.49
C LYS A 30 -13.28 3.83 1.89
N LYS A 31 -13.56 3.68 0.59
CA LYS A 31 -13.17 2.48 -0.15
C LYS A 31 -11.68 2.52 -0.46
N ILE A 32 -10.93 1.56 0.09
CA ILE A 32 -9.47 1.58 -0.07
C ILE A 32 -9.02 0.72 -1.24
N GLY A 33 -9.47 -0.51 -1.31
CA GLY A 33 -9.13 -1.35 -2.44
C GLY A 33 -8.96 -2.79 -2.03
N ARG A 34 -8.45 -3.57 -2.97
CA ARG A 34 -8.43 -5.04 -2.88
C ARG A 34 -7.05 -5.57 -2.53
N ILE A 35 -7.02 -6.56 -1.64
CA ILE A 35 -5.85 -7.40 -1.38
C ILE A 35 -6.10 -8.74 -2.05
N GLU A 36 -5.26 -9.09 -3.02
CA GLU A 36 -5.36 -10.40 -3.68
C GLU A 36 -4.32 -11.32 -3.06
N ILE A 37 -4.73 -12.53 -2.70
CA ILE A 37 -3.90 -13.45 -1.92
C ILE A 37 -3.78 -14.77 -2.65
N GLY A 38 -2.55 -15.23 -2.83
CA GLY A 38 -2.29 -16.56 -3.36
C GLY A 38 -2.06 -17.55 -2.22
N LEU A 39 -2.60 -18.75 -2.37
CA LEU A 39 -2.60 -19.73 -1.29
C LEU A 39 -1.79 -20.95 -1.72
N PHE A 40 -1.02 -21.50 -0.78
CA PHE A 40 -0.07 -22.57 -1.08
C PHE A 40 -0.68 -23.93 -0.73
N GLY A 41 -1.62 -24.32 -1.59
CA GLY A 41 -2.45 -25.49 -1.31
C GLY A 41 -1.72 -26.79 -1.45
N ASN A 42 -0.57 -26.82 -2.13
CA ASN A 42 0.18 -28.07 -2.19
C ASN A 42 1.07 -28.27 -0.98
N ASP A 43 1.33 -27.20 -0.23
CA ASP A 43 2.18 -27.25 0.95
C ASP A 43 1.39 -27.34 2.24
N VAL A 44 0.29 -26.61 2.36
CA VAL A 44 -0.54 -26.63 3.56
C VAL A 44 -1.99 -26.74 3.11
N PRO A 45 -2.38 -27.88 2.53
CA PRO A 45 -3.75 -27.98 1.98
C PRO A 45 -4.85 -27.77 3.00
N LYS A 46 -4.73 -28.30 4.21
CA LYS A 46 -5.81 -28.15 5.18
C LYS A 46 -5.96 -26.70 5.61
N THR A 47 -4.83 -26.04 5.88
CA THR A 47 -4.86 -24.63 6.28
C THR A 47 -5.41 -23.77 5.14
N VAL A 48 -4.98 -24.05 3.92
CA VAL A 48 -5.45 -23.30 2.76
C VAL A 48 -6.95 -23.46 2.57
N GLU A 49 -7.47 -24.70 2.69
CA GLU A 49 -8.89 -24.92 2.48
C GLU A 49 -9.73 -24.16 3.49
N ASN A 50 -9.26 -24.11 4.75
CA ASN A 50 -9.97 -23.33 5.77
C ASN A 50 -10.05 -21.88 5.36
N PHE A 51 -8.91 -21.29 4.97
CA PHE A 51 -8.88 -19.88 4.64
C PHE A 51 -9.73 -19.58 3.40
N ARG A 52 -9.63 -20.43 2.38
CA ARG A 52 -10.41 -20.25 1.17
C ARG A 52 -11.91 -20.31 1.44
N ALA A 53 -12.35 -21.32 2.20
CA ALA A 53 -13.79 -21.45 2.49
C ALA A 53 -14.30 -20.28 3.33
N LEU A 54 -13.48 -19.78 4.25
CA LEU A 54 -13.92 -18.63 5.05
C LEU A 54 -14.01 -17.37 4.19
N ALA A 55 -13.15 -17.28 3.16
CA ALA A 55 -13.21 -16.14 2.24
C ALA A 55 -14.47 -16.20 1.36
N THR A 56 -14.87 -17.39 0.94
CA THR A 56 -16.08 -17.47 0.11
C THR A 56 -17.35 -17.39 0.94
N GLY A 57 -17.27 -17.72 2.23
CA GLY A 57 -18.47 -17.80 3.04
C GLY A 57 -19.34 -19.01 2.78
N GLU A 58 -18.82 -20.01 2.06
CA GLU A 58 -19.65 -21.11 1.57
C GLU A 58 -20.15 -22.03 2.68
N LYS A 59 -19.62 -21.93 3.90
CA LYS A 59 -20.15 -22.69 5.03
C LYS A 59 -21.22 -21.93 5.81
N GLY A 60 -21.57 -20.72 5.38
CA GLY A 60 -22.56 -19.93 6.11
C GLY A 60 -21.97 -18.98 7.13
N PHE A 61 -20.66 -18.84 7.17
CA PHE A 61 -19.97 -17.87 8.00
C PHE A 61 -18.61 -17.66 7.38
N GLY A 62 -17.97 -16.55 7.73
CA GLY A 62 -16.66 -16.30 7.16
C GLY A 62 -16.23 -14.87 7.37
N TYR A 63 -15.27 -14.46 6.56
CA TYR A 63 -14.58 -13.19 6.76
C TYR A 63 -15.39 -11.98 6.35
N LYS A 64 -16.36 -12.14 5.43
CA LYS A 64 -17.11 -10.97 4.95
C LYS A 64 -17.71 -10.20 6.12
N GLY A 65 -17.44 -8.89 6.16
CA GLY A 65 -17.92 -8.04 7.22
C GLY A 65 -17.04 -7.99 8.46
N SER A 66 -16.02 -8.83 8.54
CA SER A 66 -15.14 -8.79 9.71
C SER A 66 -14.08 -7.71 9.53
N LYS A 67 -13.32 -7.48 10.59
CA LYS A 67 -12.44 -6.32 10.68
C LYS A 67 -11.01 -6.76 10.95
N PHE A 68 -10.07 -5.85 10.65
CA PHE A 68 -8.71 -5.99 11.15
C PHE A 68 -8.67 -5.32 12.52
N HIS A 69 -8.55 -6.13 13.57
CA HIS A 69 -8.72 -5.65 14.92
C HIS A 69 -7.41 -5.37 15.63
N ARG A 70 -6.28 -5.77 15.04
CA ARG A 70 -4.97 -5.63 15.69
C ARG A 70 -3.97 -5.26 14.61
N VAL A 71 -3.50 -4.02 14.64
CA VAL A 71 -2.65 -3.45 13.60
C VAL A 71 -1.43 -2.87 14.28
N ILE A 72 -0.25 -3.36 13.92
CA ILE A 72 0.99 -2.88 14.54
C ILE A 72 1.96 -2.49 13.44
N LYS A 73 2.37 -1.22 13.43
CA LYS A 73 3.29 -0.72 12.42
C LYS A 73 4.59 -1.50 12.43
N ASP A 74 5.12 -1.76 11.23
CA ASP A 74 6.40 -2.46 11.05
C ASP A 74 6.38 -3.84 11.70
N PHE A 75 5.21 -4.47 11.69
CA PHE A 75 5.06 -5.81 12.23
C PHE A 75 4.09 -6.58 11.35
N MET A 76 2.78 -6.41 11.59
CA MET A 76 1.78 -7.15 10.85
C MET A 76 0.42 -6.49 11.07
N ILE A 77 -0.57 -6.94 10.28
CA ILE A 77 -1.96 -6.60 10.49
C ILE A 77 -2.73 -7.90 10.66
N GLN A 78 -3.62 -7.94 11.65
CA GLN A 78 -4.29 -9.18 12.05
C GLN A 78 -5.80 -9.00 11.99
N GLY A 79 -6.47 -10.01 11.44
CA GLY A 79 -7.92 -9.97 11.35
C GLY A 79 -8.48 -11.37 11.47
N GLY A 80 -9.73 -11.56 11.05
CA GLY A 80 -10.32 -12.88 10.98
C GLY A 80 -11.20 -13.26 12.16
N ASP A 81 -11.36 -12.39 13.15
CA ASP A 81 -12.25 -12.70 14.27
C ASP A 81 -13.66 -12.26 13.88
N PHE A 82 -14.38 -13.14 13.19
CA PHE A 82 -15.71 -12.79 12.73
C PHE A 82 -16.81 -13.14 13.73
N THR A 83 -16.48 -13.68 14.90
CA THR A 83 -17.51 -14.02 15.88
C THR A 83 -17.54 -13.08 17.08
N ARG A 84 -16.42 -12.47 17.45
CA ARG A 84 -16.41 -11.55 18.58
C ARG A 84 -15.81 -10.22 18.18
N GLY A 85 -14.89 -10.24 17.22
CA GLY A 85 -14.30 -9.03 16.71
C GLY A 85 -13.24 -8.39 17.59
N ASP A 86 -12.69 -9.11 18.57
CA ASP A 86 -11.73 -8.50 19.47
C ASP A 86 -10.49 -9.36 19.70
N GLY A 87 -10.26 -10.41 18.91
CA GLY A 87 -9.13 -11.27 19.09
C GLY A 87 -9.39 -12.50 19.93
N THR A 88 -10.54 -12.56 20.60
CA THR A 88 -10.90 -13.74 21.37
C THR A 88 -11.71 -14.76 20.58
N GLY A 89 -12.16 -14.40 19.37
CA GLY A 89 -13.11 -15.24 18.66
C GLY A 89 -12.63 -15.84 17.35
N GLY A 90 -13.59 -16.15 16.48
CA GLY A 90 -13.28 -16.84 15.24
C GLY A 90 -13.32 -18.34 15.41
N LYS A 91 -13.44 -19.02 14.27
CA LYS A 91 -13.50 -20.47 14.27
C LYS A 91 -13.15 -20.95 12.88
N SER A 92 -12.61 -22.16 12.82
CA SER A 92 -12.29 -22.78 11.55
C SER A 92 -13.54 -23.41 10.96
N ILE A 93 -13.39 -23.97 9.76
CA ILE A 93 -14.46 -24.74 9.14
C ILE A 93 -14.51 -26.17 9.63
N TYR A 94 -13.60 -26.54 10.53
CA TYR A 94 -13.44 -27.92 10.96
C TYR A 94 -13.97 -28.19 12.36
N GLY A 95 -14.52 -27.19 13.03
CA GLY A 95 -14.55 -27.14 14.47
C GLY A 95 -13.60 -26.06 14.99
N ASP A 96 -13.75 -25.75 16.28
CA ASP A 96 -13.18 -24.51 16.83
C ASP A 96 -11.71 -24.33 16.45
N ARG A 97 -10.89 -25.37 16.59
CA ARG A 97 -9.45 -25.23 16.37
C ARG A 97 -8.88 -26.48 15.72
N PHE A 98 -7.85 -26.30 14.91
CA PHE A 98 -7.15 -27.44 14.32
C PHE A 98 -5.65 -27.31 14.47
N GLU A 99 -4.97 -28.44 14.27
CA GLU A 99 -3.57 -28.56 14.58
C GLU A 99 -2.72 -27.72 13.61
N ASP A 100 -1.49 -27.42 14.03
CA ASP A 100 -0.52 -26.83 13.11
C ASP A 100 -0.16 -27.87 12.06
N GLU A 101 -0.51 -27.59 10.80
CA GLU A 101 -0.34 -28.58 9.74
C GLU A 101 1.14 -28.91 9.55
N ASN A 102 1.94 -27.88 9.28
CA ASN A 102 3.39 -28.00 9.22
C ASN A 102 3.95 -26.59 9.28
N PHE A 103 5.28 -26.50 9.34
CA PHE A 103 5.96 -25.22 9.29
C PHE A 103 6.92 -25.17 8.11
N LYS A 104 6.49 -25.73 6.97
CA LYS A 104 7.34 -25.75 5.78
C LYS A 104 7.67 -24.33 5.33
N LEU A 105 6.70 -23.44 5.35
CA LEU A 105 6.87 -22.08 4.87
C LEU A 105 7.22 -21.16 6.03
N LYS A 106 8.09 -20.20 5.77
CA LYS A 106 8.53 -19.23 6.75
C LYS A 106 7.91 -17.87 6.45
N HIS A 107 8.10 -16.94 7.39
CA HIS A 107 7.67 -15.56 7.21
C HIS A 107 8.79 -14.84 6.45
N TYR A 108 8.80 -15.02 5.13
CA TYR A 108 9.97 -14.65 4.34
C TYR A 108 10.18 -13.14 4.29
N GLY A 109 9.10 -12.37 4.36
CA GLY A 109 9.18 -10.94 4.36
C GLY A 109 7.80 -10.35 4.45
N ALA A 110 7.71 -9.06 4.13
CA ALA A 110 6.41 -8.42 4.05
C ALA A 110 5.50 -9.17 3.09
N GLY A 111 4.20 -9.20 3.40
CA GLY A 111 3.21 -9.71 2.47
C GLY A 111 2.95 -11.20 2.54
N TRP A 112 3.31 -11.87 3.63
CA TRP A 112 3.05 -13.29 3.78
C TRP A 112 1.93 -13.51 4.78
N LEU A 113 1.09 -14.49 4.47
CA LEU A 113 -0.13 -14.80 5.21
C LEU A 113 0.14 -15.94 6.16
N SER A 114 -0.29 -15.78 7.40
CA SER A 114 0.07 -16.74 8.44
C SER A 114 -1.06 -16.81 9.45
N MET A 115 -1.20 -17.96 10.09
CA MET A 115 -2.27 -18.15 11.06
C MET A 115 -1.91 -17.51 12.39
N ALA A 116 -2.78 -16.63 12.87
CA ALA A 116 -2.76 -16.30 14.28
C ALA A 116 -3.26 -17.50 15.05
N ASN A 117 -2.77 -17.66 16.27
CA ASN A 117 -3.26 -18.77 17.06
C ASN A 117 -3.23 -18.36 18.53
N ALA A 118 -3.63 -19.28 19.38
CA ALA A 118 -3.55 -19.09 20.83
C ALA A 118 -2.69 -20.19 21.43
N GLY A 119 -1.57 -20.48 20.80
CA GLY A 119 -0.65 -21.52 21.25
C GLY A 119 -0.60 -22.64 20.23
N LYS A 120 0.12 -23.71 20.60
CA LYS A 120 0.28 -24.82 19.67
C LYS A 120 -1.06 -25.46 19.35
N ASP A 121 -1.27 -25.75 18.06
CA ASP A 121 -2.42 -26.53 17.57
C ASP A 121 -3.75 -25.87 17.93
N THR A 122 -3.84 -24.55 17.74
CA THR A 122 -5.04 -23.79 18.08
C THR A 122 -5.44 -22.89 16.93
N ASN A 123 -5.26 -23.35 15.70
CA ASN A 123 -5.65 -22.54 14.55
C ASN A 123 -7.16 -22.44 14.45
N GLY A 124 -7.65 -21.22 14.27
CA GLY A 124 -9.08 -21.00 14.08
C GLY A 124 -9.34 -20.32 12.76
N SER A 125 -9.70 -19.04 12.82
CA SER A 125 -9.87 -18.23 11.63
C SER A 125 -8.99 -16.99 11.61
N GLN A 126 -8.44 -16.58 12.75
CA GLN A 126 -7.63 -15.39 12.78
C GLN A 126 -6.32 -15.61 12.06
N PHE A 127 -5.90 -14.59 11.32
CA PHE A 127 -4.76 -14.67 10.43
C PHE A 127 -4.06 -13.33 10.50
N PHE A 128 -2.84 -13.27 9.98
CA PHE A 128 -2.21 -11.97 9.84
C PHE A 128 -1.43 -11.92 8.54
N ILE A 129 -1.21 -10.70 8.08
CA ILE A 129 -0.37 -10.40 6.93
C ILE A 129 0.84 -9.66 7.48
N THR A 130 2.03 -10.19 7.24
CA THR A 130 3.24 -9.51 7.70
C THR A 130 3.48 -8.25 6.87
N THR A 131 4.09 -7.26 7.50
CA THR A 131 4.59 -6.11 6.76
C THR A 131 6.10 -6.00 6.83
N VAL A 132 6.76 -6.94 7.49
CA VAL A 132 8.22 -7.04 7.58
C VAL A 132 8.56 -8.53 7.64
N GLN A 133 9.85 -8.84 7.56
CA GLN A 133 10.29 -10.23 7.75
C GLN A 133 10.25 -10.54 9.25
N THR A 134 9.18 -11.20 9.69
CA THR A 134 9.00 -11.55 11.10
C THR A 134 9.61 -12.93 11.38
N THR A 135 10.94 -12.96 11.39
CA THR A 135 11.63 -14.23 11.59
C THR A 135 11.29 -14.87 12.92
N TRP A 136 11.04 -14.06 13.96
CA TRP A 136 10.75 -14.61 15.28
C TRP A 136 9.40 -15.31 15.35
N LEU A 137 8.58 -15.23 14.30
CA LEU A 137 7.33 -15.99 14.26
C LEU A 137 7.50 -17.35 13.61
N ASP A 138 8.61 -17.59 12.93
CA ASP A 138 8.83 -18.86 12.23
C ASP A 138 8.74 -20.03 13.20
N GLY A 139 8.01 -21.08 12.78
CA GLY A 139 7.90 -22.29 13.55
C GLY A 139 6.83 -22.27 14.62
N ARG A 140 6.16 -21.14 14.83
CA ARG A 140 5.04 -21.03 15.75
C ARG A 140 3.74 -20.66 15.06
N HIS A 141 3.80 -20.13 13.85
CA HIS A 141 2.62 -19.74 13.09
C HIS A 141 2.73 -20.35 11.71
N VAL A 142 1.67 -21.02 11.29
CA VAL A 142 1.65 -21.70 10.01
C VAL A 142 1.46 -20.68 8.90
N VAL A 143 2.47 -20.57 8.03
CA VAL A 143 2.42 -19.70 6.85
C VAL A 143 1.73 -20.47 5.72
N PHE A 144 0.79 -19.81 5.02
CA PHE A 144 0.01 -20.47 4.00
C PHE A 144 -0.29 -19.61 2.78
N GLY A 145 0.14 -18.36 2.75
CA GLY A 145 -0.24 -17.54 1.60
C GLY A 145 0.69 -16.37 1.42
N LYS A 146 0.46 -15.66 0.31
CA LYS A 146 1.31 -14.55 -0.08
C LYS A 146 0.47 -13.52 -0.83
N VAL A 147 0.69 -12.24 -0.54
CA VAL A 147 -0.04 -11.19 -1.26
C VAL A 147 0.45 -11.12 -2.69
N LEU A 148 -0.50 -11.19 -3.64
CA LEU A 148 -0.15 -11.08 -5.06
C LEU A 148 -0.36 -9.68 -5.62
N SER A 149 -1.30 -8.93 -5.05
CA SER A 149 -1.48 -7.53 -5.42
C SER A 149 -2.20 -6.83 -4.28
N GLY A 150 -2.11 -5.50 -4.27
CA GLY A 150 -2.72 -4.75 -3.19
C GLY A 150 -1.87 -4.62 -1.95
N MET A 151 -0.56 -4.78 -2.05
CA MET A 151 0.28 -4.52 -0.89
C MET A 151 0.17 -3.08 -0.44
N ASP A 152 -0.15 -2.15 -1.34
CA ASP A 152 -0.40 -0.78 -0.90
C ASP A 152 -1.62 -0.70 0.02
N VAL A 153 -2.63 -1.54 -0.21
CA VAL A 153 -3.78 -1.60 0.68
C VAL A 153 -3.35 -2.13 2.04
N VAL A 154 -2.52 -3.17 2.06
CA VAL A 154 -2.00 -3.70 3.31
C VAL A 154 -1.28 -2.60 4.09
N ARG A 155 -0.44 -1.82 3.40
CA ARG A 155 0.32 -0.80 4.09
C ARG A 155 -0.57 0.37 4.52
N LYS A 156 -1.65 0.62 3.79
CA LYS A 156 -2.59 1.64 4.23
C LYS A 156 -3.28 1.22 5.53
N ILE A 157 -3.67 -0.06 5.63
CA ILE A 157 -4.17 -0.60 6.90
C ILE A 157 -3.10 -0.47 7.98
N GLU A 158 -1.88 -0.89 7.66
CA GLU A 158 -0.79 -0.90 8.64
C GLU A 158 -0.56 0.47 9.27
N GLN A 159 -0.78 1.54 8.52
N GLN A 159 -0.76 1.55 8.51
CA GLN A 159 -0.48 2.88 8.99
CA GLN A 159 -0.47 2.90 8.99
C GLN A 159 -1.70 3.60 9.55
C GLN A 159 -1.67 3.56 9.67
N THR A 160 -2.84 2.94 9.66
CA THR A 160 -4.03 3.59 10.17
C THR A 160 -3.88 3.86 11.68
N SER A 161 -4.39 5.02 12.12
CA SER A 161 -4.25 5.37 13.53
CA SER A 161 -4.24 5.37 13.53
C SER A 161 -4.94 4.34 14.42
N THR A 162 -4.25 3.96 15.51
CA THR A 162 -4.78 2.95 16.41
C THR A 162 -4.91 3.50 17.82
N HIS A 163 -5.86 2.93 18.57
CA HIS A 163 -5.94 3.13 20.01
C HIS A 163 -4.82 2.34 20.69
N PRO A 164 -4.49 2.69 21.93
CA PRO A 164 -3.63 1.81 22.74
C PRO A 164 -4.18 0.39 22.75
N GLY A 165 -3.30 -0.58 22.54
CA GLY A 165 -3.72 -1.94 22.34
C GLY A 165 -3.92 -2.33 20.90
N ASP A 166 -3.70 -1.39 19.96
CA ASP A 166 -3.49 -1.64 18.53
C ASP A 166 -4.79 -1.91 17.77
N ARG A 167 -5.93 -1.51 18.31
CA ARG A 167 -7.18 -1.56 17.56
C ARG A 167 -7.34 -0.29 16.73
N PRO A 168 -7.57 -0.39 15.43
CA PRO A 168 -7.75 0.82 14.61
C PRO A 168 -8.85 1.73 15.16
N LYS A 169 -8.61 3.03 15.11
CA LYS A 169 -9.62 3.99 15.55
C LYS A 169 -10.80 4.00 14.60
N GLN A 170 -10.53 3.88 13.31
CA GLN A 170 -11.56 3.73 12.30
C GLN A 170 -11.70 2.26 11.95
N SER A 171 -12.93 1.87 11.60
CA SER A 171 -13.20 0.47 11.29
C SER A 171 -12.51 0.08 9.99
N VAL A 172 -11.64 -0.92 10.04
CA VAL A 172 -10.98 -1.47 8.85
C VAL A 172 -11.72 -2.75 8.49
N GLU A 173 -12.62 -2.69 7.52
CA GLU A 173 -13.55 -3.78 7.28
C GLU A 173 -13.25 -4.49 5.96
N ILE A 174 -13.29 -5.82 6.01
CA ILE A 174 -13.39 -6.63 4.80
C ILE A 174 -14.83 -6.55 4.32
N VAL A 175 -15.12 -5.57 3.46
CA VAL A 175 -16.50 -5.33 3.03
C VAL A 175 -16.98 -6.45 2.12
N ASP A 176 -16.09 -6.99 1.29
CA ASP A 176 -16.42 -8.09 0.39
C ASP A 176 -15.20 -8.98 0.28
N CYS A 177 -15.43 -10.27 0.03
CA CYS A 177 -14.32 -11.19 -0.14
C CYS A 177 -14.80 -12.44 -0.85
N GLY A 178 -13.86 -13.17 -1.44
CA GLY A 178 -14.23 -14.38 -2.14
C GLY A 178 -13.03 -15.04 -2.78
N GLU A 179 -13.30 -15.97 -3.68
CA GLU A 179 -12.28 -16.67 -4.43
C GLU A 179 -12.26 -16.19 -5.88
N LEU A 180 -11.08 -16.07 -6.46
CA LEU A 180 -10.93 -15.79 -7.88
C LEU A 180 -10.57 -17.05 -8.65
N SER A 181 -11.00 -17.09 -9.90
CA SER A 181 -10.62 -18.19 -10.78
C SER A 181 -9.13 -18.10 -11.11
N LEU A 182 -8.43 -19.22 -10.95
CA LEU A 182 -7.00 -19.32 -11.29
C LEU A 182 -6.84 -20.31 -12.43
N ASP A 183 -6.33 -19.85 -13.57
CA ASP A 183 -6.24 -20.70 -14.76
C ASP A 183 -5.29 -21.87 -14.55
N ALA A 184 -4.20 -21.65 -13.81
CA ALA A 184 -3.21 -22.69 -13.58
C ALA A 184 -2.40 -22.31 -12.36
N PRO A 185 -1.97 -23.28 -11.56
CA PRO A 185 -1.03 -22.98 -10.48
C PRO A 185 0.25 -22.40 -11.05
N PHE A 186 0.95 -21.62 -10.24
CA PHE A 186 2.17 -20.97 -10.69
C PHE A 186 3.10 -20.76 -9.50
N ASP A 187 4.39 -20.68 -9.79
CA ASP A 187 5.39 -20.53 -8.76
C ASP A 187 5.66 -19.06 -8.45
N THR A 188 5.87 -18.77 -7.17
CA THR A 188 6.21 -17.44 -6.73
C THR A 188 7.38 -17.53 -5.76
N PRO A 189 8.25 -16.52 -5.73
CA PRO A 189 9.47 -16.64 -4.92
C PRO A 189 9.18 -16.57 -3.42
N LYS A 190 10.01 -17.28 -2.66
CA LYS A 190 9.96 -17.21 -1.20
C LYS A 190 10.74 -15.96 -0.74
N GLU A 191 10.13 -14.81 -1.01
CA GLU A 191 10.76 -13.54 -0.67
C GLU A 191 9.66 -12.53 -0.37
N ALA A 192 10.09 -11.35 0.09
CA ALA A 192 9.15 -10.31 0.50
C ALA A 192 8.36 -9.80 -0.70
N VAL A 193 7.15 -9.35 -0.43
CA VAL A 193 6.33 -8.67 -1.42
C VAL A 193 6.71 -7.19 -1.42
N ALA A 194 7.19 -6.70 -2.55
CA ALA A 194 7.58 -5.29 -2.68
C ALA A 194 6.38 -4.34 -2.59
N LYS B 12 10.20 9.03 -17.31
CA LYS B 12 10.68 10.32 -16.81
C LYS B 12 9.61 11.40 -16.95
N GLU B 13 8.88 11.38 -18.07
CA GLU B 13 7.74 12.26 -18.25
C GLU B 13 6.55 11.69 -17.47
N MET B 14 5.89 12.53 -16.69
CA MET B 14 4.88 12.10 -15.73
CA MET B 14 4.88 12.12 -15.72
C MET B 14 3.55 12.78 -16.02
N ALA B 15 2.47 12.14 -15.56
CA ALA B 15 1.14 12.73 -15.51
C ALA B 15 0.54 12.45 -14.14
N THR B 16 -0.32 13.35 -13.67
CA THR B 16 -0.80 13.31 -12.30
C THR B 16 -2.12 12.55 -12.21
N VAL B 17 -2.13 11.45 -11.45
CA VAL B 17 -3.37 10.73 -11.16
C VAL B 17 -4.11 11.49 -10.06
N THR B 18 -5.38 11.85 -10.34
CA THR B 18 -6.19 12.60 -9.39
C THR B 18 -7.40 11.85 -8.85
N LYS B 19 -7.82 10.77 -9.52
CA LYS B 19 -8.94 9.93 -9.11
C LYS B 19 -8.61 8.49 -9.45
N LYS B 20 -9.25 7.55 -8.74
CA LYS B 20 -9.10 6.12 -9.01
C LYS B 20 -10.45 5.45 -9.06
N VAL B 21 -10.64 4.57 -10.05
CA VAL B 21 -11.86 3.79 -10.17
C VAL B 21 -11.48 2.32 -10.32
N TYR B 22 -12.46 1.45 -10.13
CA TYR B 22 -12.23 0.01 -10.25
C TYR B 22 -13.34 -0.65 -11.07
N PHE B 23 -12.96 -1.69 -11.81
CA PHE B 23 -13.87 -2.57 -12.55
C PHE B 23 -13.60 -4.00 -12.11
N ASP B 24 -14.62 -4.69 -11.57
CA ASP B 24 -14.48 -6.10 -11.19
C ASP B 24 -15.10 -6.95 -12.29
N ILE B 25 -14.31 -7.88 -12.83
CA ILE B 25 -14.60 -8.54 -14.11
C ILE B 25 -14.92 -10.01 -13.88
N ALA B 26 -15.99 -10.50 -14.53
CA ALA B 26 -16.24 -11.91 -14.71
C ALA B 26 -16.27 -12.24 -16.20
N ILE B 27 -15.80 -13.42 -16.56
CA ILE B 27 -15.95 -13.97 -17.91
C ILE B 27 -16.81 -15.21 -17.76
N GLY B 28 -18.00 -15.19 -18.37
CA GLY B 28 -18.94 -16.26 -18.07
C GLY B 28 -19.18 -16.29 -16.58
N ASP B 29 -19.11 -17.48 -15.98
CA ASP B 29 -19.30 -17.62 -14.55
C ASP B 29 -18.02 -17.44 -13.74
N LYS B 30 -16.88 -17.19 -14.39
CA LYS B 30 -15.60 -17.15 -13.68
C LYS B 30 -15.26 -15.74 -13.21
N LYS B 31 -14.95 -15.62 -11.93
CA LYS B 31 -14.51 -14.35 -11.37
C LYS B 31 -13.03 -14.17 -11.70
N ILE B 32 -12.72 -13.16 -12.51
CA ILE B 32 -11.37 -12.95 -12.99
C ILE B 32 -10.62 -12.01 -12.06
N GLY B 33 -11.17 -10.83 -11.85
CA GLY B 33 -10.58 -9.91 -10.88
C GLY B 33 -10.78 -8.46 -11.30
N ARG B 34 -10.00 -7.62 -10.64
CA ARG B 34 -10.21 -6.18 -10.65
C ARG B 34 -9.17 -5.47 -11.52
N ILE B 35 -9.65 -4.52 -12.30
CA ILE B 35 -8.83 -3.53 -12.98
C ILE B 35 -8.95 -2.23 -12.20
N GLU B 36 -7.83 -1.71 -11.73
CA GLU B 36 -7.80 -0.43 -11.04
C GLU B 36 -7.21 0.61 -11.99
N ILE B 37 -7.89 1.74 -12.13
CA ILE B 37 -7.57 2.73 -13.16
C ILE B 37 -7.37 4.08 -12.49
N GLY B 38 -6.27 4.74 -12.81
CA GLY B 38 -6.02 6.11 -12.37
C GLY B 38 -6.43 7.07 -13.48
N LEU B 39 -7.04 8.18 -13.09
CA LEU B 39 -7.61 9.14 -14.02
C LEU B 39 -6.90 10.48 -13.90
N PHE B 40 -6.65 11.11 -15.04
CA PHE B 40 -5.82 12.30 -15.10
C PHE B 40 -6.72 13.54 -15.16
N GLY B 41 -7.31 13.84 -13.99
CA GLY B 41 -8.33 14.88 -13.89
C GLY B 41 -7.80 16.30 -14.03
N ASN B 42 -6.51 16.53 -13.83
CA ASN B 42 -5.99 17.87 -14.06
C ASN B 42 -5.78 18.13 -15.54
N ASP B 43 -5.68 17.09 -16.36
CA ASP B 43 -5.41 17.22 -17.79
C ASP B 43 -6.65 17.12 -18.65
N VAL B 44 -7.60 16.25 -18.31
CA VAL B 44 -8.85 16.10 -19.05
C VAL B 44 -9.98 16.04 -18.04
N PRO B 45 -10.26 17.13 -17.32
CA PRO B 45 -11.24 17.06 -16.22
C PRO B 45 -12.64 16.65 -16.66
N LYS B 46 -13.11 17.13 -17.81
CA LYS B 46 -14.48 16.82 -18.20
C LYS B 46 -14.63 15.36 -18.59
N THR B 47 -13.64 14.83 -19.31
CA THR B 47 -13.68 13.43 -19.69
C THR B 47 -13.53 12.53 -18.48
N VAL B 48 -12.67 12.93 -17.54
CA VAL B 48 -12.47 12.13 -16.34
C VAL B 48 -13.73 12.11 -15.48
N GLU B 49 -14.39 13.26 -15.33
CA GLU B 49 -15.59 13.30 -14.51
C GLU B 49 -16.68 12.40 -15.09
N ASN B 50 -16.80 12.36 -16.42
CA ASN B 50 -17.78 11.48 -17.03
C ASN B 50 -17.49 10.03 -16.68
N PHE B 51 -16.25 9.60 -16.90
CA PHE B 51 -15.88 8.22 -16.62
C PHE B 51 -16.06 7.88 -15.15
N ARG B 52 -15.64 8.79 -14.25
CA ARG B 52 -15.77 8.55 -12.82
C ARG B 52 -17.23 8.37 -12.41
N ALA B 53 -18.10 9.28 -12.85
CA ALA B 53 -19.51 9.19 -12.49
C ALA B 53 -20.14 7.93 -13.06
N LEU B 54 -19.73 7.52 -14.26
CA LEU B 54 -20.30 6.31 -14.84
C LEU B 54 -19.84 5.08 -14.08
N ALA B 55 -18.60 5.10 -13.55
CA ALA B 55 -18.14 3.98 -12.73
C ALA B 55 -18.91 3.90 -11.42
N THR B 56 -19.22 5.04 -10.79
CA THR B 56 -19.96 4.99 -9.54
C THR B 56 -21.44 4.73 -9.75
N GLY B 57 -21.97 5.08 -10.93
CA GLY B 57 -23.40 4.98 -11.16
C GLY B 57 -24.23 6.06 -10.49
N GLU B 58 -23.60 7.16 -10.06
CA GLU B 58 -24.31 8.11 -9.22
C GLU B 58 -25.39 8.89 -9.97
N LYS B 59 -25.36 8.91 -11.31
CA LYS B 59 -26.43 9.54 -12.07
C LYS B 59 -27.61 8.61 -12.33
N GLY B 60 -27.58 7.38 -11.82
CA GLY B 60 -28.65 6.44 -12.05
C GLY B 60 -28.40 5.49 -13.20
N PHE B 61 -27.22 5.55 -13.82
CA PHE B 61 -26.86 4.69 -14.93
C PHE B 61 -25.34 4.67 -15.00
N GLY B 62 -24.80 3.72 -15.74
CA GLY B 62 -23.37 3.66 -15.86
C GLY B 62 -22.90 2.26 -16.18
N TYR B 63 -21.64 2.00 -15.83
CA TYR B 63 -20.94 0.83 -16.33
C TYR B 63 -21.31 -0.47 -15.64
N LYS B 64 -21.85 -0.41 -14.43
CA LYS B 64 -22.14 -1.65 -13.70
C LYS B 64 -23.06 -2.55 -14.53
N GLY B 65 -22.63 -3.80 -14.74
CA GLY B 65 -23.40 -4.75 -15.49
C GLY B 65 -23.18 -4.70 -16.99
N SER B 66 -22.46 -3.72 -17.50
CA SER B 66 -22.19 -3.67 -18.92
C SER B 66 -21.03 -4.61 -19.26
N LYS B 67 -20.79 -4.79 -20.55
CA LYS B 67 -19.87 -5.82 -21.01
C LYS B 67 -18.77 -5.20 -21.85
N PHE B 68 -17.69 -5.95 -22.03
CA PHE B 68 -16.68 -5.65 -23.03
C PHE B 68 -17.12 -6.31 -24.33
N HIS B 69 -17.61 -5.51 -25.27
CA HIS B 69 -18.27 -6.05 -26.46
C HIS B 69 -17.35 -6.18 -27.67
N ARG B 70 -16.14 -5.61 -27.62
CA ARG B 70 -15.23 -5.65 -28.75
C ARG B 70 -13.83 -5.89 -28.20
N VAL B 71 -13.22 -7.01 -28.58
CA VAL B 71 -11.92 -7.41 -28.04
C VAL B 71 -11.06 -7.83 -29.21
N ILE B 72 -9.89 -7.21 -29.35
CA ILE B 72 -9.00 -7.55 -30.46
C ILE B 72 -7.61 -7.79 -29.91
N LYS B 73 -7.13 -9.03 -30.07
CA LYS B 73 -5.80 -9.40 -29.58
C LYS B 73 -4.74 -8.47 -30.11
N ASP B 74 -3.77 -8.13 -29.26
CA ASP B 74 -2.65 -7.28 -29.64
C ASP B 74 -3.12 -5.92 -30.14
N PHE B 75 -4.23 -5.43 -29.59
CA PHE B 75 -4.74 -4.11 -29.93
C PHE B 75 -5.34 -3.46 -28.69
N MET B 76 -6.55 -3.87 -28.32
CA MET B 76 -7.24 -3.22 -27.21
C MET B 76 -8.49 -4.02 -26.86
N ILE B 77 -9.04 -3.70 -25.69
CA ILE B 77 -10.35 -4.20 -25.28
C ILE B 77 -11.26 -3.00 -25.08
N GLN B 78 -12.50 -3.11 -25.55
CA GLN B 78 -13.40 -1.97 -25.58
C GLN B 78 -14.72 -2.35 -24.95
N GLY B 79 -15.28 -1.42 -24.17
CA GLY B 79 -16.55 -1.64 -23.52
C GLY B 79 -17.32 -0.36 -23.33
N GLY B 80 -18.25 -0.35 -22.38
CA GLY B 80 -18.92 0.88 -21.98
C GLY B 80 -20.23 1.17 -22.68
N ASP B 81 -20.71 0.27 -23.55
CA ASP B 81 -22.02 0.46 -24.17
C ASP B 81 -23.05 -0.16 -23.24
N PHE B 82 -23.53 0.62 -22.29
CA PHE B 82 -24.51 0.13 -21.32
C PHE B 82 -25.95 0.41 -21.73
N THR B 83 -26.19 1.00 -22.91
CA THR B 83 -27.56 1.19 -23.37
C THR B 83 -27.98 0.18 -24.43
N ARG B 84 -27.12 -0.11 -25.41
CA ARG B 84 -27.43 -1.11 -26.42
C ARG B 84 -26.61 -2.37 -26.32
N GLY B 85 -25.37 -2.27 -25.80
CA GLY B 85 -24.54 -3.44 -25.61
C GLY B 85 -23.93 -4.03 -26.86
N ASP B 86 -23.95 -3.29 -27.97
CA ASP B 86 -23.42 -3.82 -29.23
C ASP B 86 -22.43 -2.86 -29.89
N GLY B 87 -22.06 -1.77 -29.22
CA GLY B 87 -21.16 -0.78 -29.80
C GLY B 87 -21.85 0.41 -30.42
N THR B 88 -23.17 0.40 -30.57
CA THR B 88 -23.90 1.54 -31.09
C THR B 88 -24.49 2.43 -30.01
N GLY B 89 -24.34 2.06 -28.74
CA GLY B 89 -25.00 2.78 -27.68
C GLY B 89 -24.06 3.44 -26.69
N GLY B 90 -24.54 3.61 -25.46
CA GLY B 90 -23.85 4.40 -24.47
C GLY B 90 -24.24 5.87 -24.54
N LYS B 91 -23.99 6.58 -23.45
CA LYS B 91 -24.24 8.01 -23.36
C LYS B 91 -23.36 8.57 -22.26
N SER B 92 -23.10 9.88 -22.33
CA SER B 92 -22.32 10.54 -21.29
C SER B 92 -23.25 11.07 -20.21
N ILE B 93 -22.64 11.51 -19.11
CA ILE B 93 -23.40 12.19 -18.06
C ILE B 93 -23.81 13.58 -18.50
N TYR B 94 -23.29 14.07 -19.61
CA TYR B 94 -23.57 15.42 -20.10
C TYR B 94 -24.68 15.48 -21.13
N GLY B 95 -25.13 14.33 -21.61
CA GLY B 95 -25.99 14.26 -22.78
C GLY B 95 -25.52 13.09 -23.62
N ASP B 96 -26.17 12.85 -24.76
CA ASP B 96 -25.82 11.69 -25.57
C ASP B 96 -24.33 11.68 -25.94
N ARG B 97 -23.79 12.83 -26.34
CA ARG B 97 -22.40 12.92 -26.78
C ARG B 97 -21.79 14.23 -26.32
N PHE B 98 -20.46 14.26 -26.20
CA PHE B 98 -19.75 15.50 -25.88
C PHE B 98 -18.44 15.59 -26.67
N GLU B 99 -17.86 16.79 -26.66
CA GLU B 99 -16.75 17.12 -27.54
C GLU B 99 -15.46 16.42 -27.10
N ASP B 100 -14.52 16.31 -28.04
CA ASP B 100 -13.15 15.93 -27.70
C ASP B 100 -12.54 17.02 -26.83
N GLU B 101 -12.19 16.68 -25.59
CA GLU B 101 -11.75 17.72 -24.66
C GLU B 101 -10.39 18.29 -25.08
N ASN B 102 -9.40 17.42 -25.25
CA ASN B 102 -8.09 17.75 -25.80
C ASN B 102 -7.39 16.45 -26.15
N PHE B 103 -6.24 16.58 -26.79
CA PHE B 103 -5.42 15.41 -27.11
C PHE B 103 -4.04 15.54 -26.46
N LYS B 104 -4.03 16.05 -25.22
CA LYS B 104 -2.78 16.23 -24.50
C LYS B 104 -2.05 14.90 -24.28
N LEU B 105 -2.78 13.86 -23.89
CA LEU B 105 -2.17 12.58 -23.58
C LEU B 105 -2.22 11.66 -24.79
N LYS B 106 -1.20 10.82 -24.92
CA LYS B 106 -1.10 9.90 -26.04
C LYS B 106 -1.32 8.47 -25.55
N HIS B 107 -1.44 7.56 -26.51
CA HIS B 107 -1.54 6.14 -26.20
C HIS B 107 -0.12 5.62 -26.04
N TYR B 108 0.42 5.85 -24.84
CA TYR B 108 1.86 5.65 -24.64
C TYR B 108 2.26 4.19 -24.76
N GLY B 109 1.34 3.28 -24.50
CA GLY B 109 1.65 1.86 -24.53
C GLY B 109 0.46 1.09 -24.03
N ALA B 110 0.70 -0.20 -23.72
CA ALA B 110 -0.34 -1.00 -23.10
C ALA B 110 -0.83 -0.38 -21.80
N GLY B 111 -2.13 -0.51 -21.53
CA GLY B 111 -2.67 -0.14 -20.24
C GLY B 111 -3.17 1.28 -20.14
N TRP B 112 -3.44 1.95 -21.27
CA TRP B 112 -3.95 3.32 -21.23
C TRP B 112 -5.41 3.35 -21.62
N LEU B 113 -6.17 4.21 -20.94
CA LEU B 113 -7.61 4.34 -21.07
C LEU B 113 -7.92 5.48 -22.01
N SER B 114 -8.80 5.24 -22.98
CA SER B 114 -9.05 6.21 -24.03
C SER B 114 -10.50 6.09 -24.48
N MET B 115 -11.06 7.21 -24.97
CA MET B 115 -12.46 7.22 -25.37
C MET B 115 -12.63 6.63 -26.75
N ALA B 116 -13.50 5.63 -26.86
CA ALA B 116 -13.96 5.23 -28.16
C ALA B 116 -14.92 6.28 -28.70
N ASN B 117 -15.05 6.37 -30.01
CA ASN B 117 -15.94 7.38 -30.58
C ASN B 117 -16.35 6.96 -31.98
N ALA B 118 -17.20 7.78 -32.58
CA ALA B 118 -17.71 7.58 -33.93
C ALA B 118 -17.29 8.75 -34.81
N GLY B 119 -16.09 9.25 -34.62
CA GLY B 119 -15.62 10.43 -35.30
C GLY B 119 -15.44 11.58 -34.32
N LYS B 120 -15.13 12.74 -34.87
CA LYS B 120 -14.79 13.90 -34.04
C LYS B 120 -15.98 14.31 -33.18
N ASP B 121 -15.71 14.61 -31.90
CA ASP B 121 -16.69 15.18 -30.98
C ASP B 121 -17.90 14.27 -30.79
N THR B 122 -17.66 12.97 -30.64
CA THR B 122 -18.75 12.02 -30.45
C THR B 122 -18.50 11.15 -29.24
N ASN B 123 -17.92 11.71 -28.19
CA ASN B 123 -17.65 10.91 -27.00
C ASN B 123 -18.94 10.62 -26.26
N GLY B 124 -19.13 9.38 -25.84
CA GLY B 124 -20.28 9.02 -25.03
C GLY B 124 -19.84 8.36 -23.74
N SER B 125 -20.00 7.05 -23.67
CA SER B 125 -19.51 6.27 -22.54
C SER B 125 -18.56 5.16 -22.94
N GLN B 126 -18.48 4.82 -24.22
CA GLN B 126 -17.60 3.73 -24.63
C GLN B 126 -16.15 4.12 -24.49
N PHE B 127 -15.34 3.17 -24.05
CA PHE B 127 -13.95 3.40 -23.73
C PHE B 127 -13.18 2.17 -24.16
N PHE B 128 -11.87 2.32 -24.29
CA PHE B 128 -11.04 1.14 -24.51
C PHE B 128 -9.76 1.25 -23.69
N ILE B 129 -9.20 0.08 -23.43
CA ILE B 129 -7.91 -0.06 -22.75
C ILE B 129 -6.94 -0.69 -23.76
N THR B 130 -5.85 0.00 -24.05
CA THR B 130 -4.87 -0.51 -24.99
C THR B 130 -4.14 -1.71 -24.39
N THR B 131 -3.72 -2.62 -25.25
CA THR B 131 -2.83 -3.70 -24.83
C THR B 131 -1.48 -3.62 -25.54
N VAL B 132 -1.31 -2.65 -26.45
CA VAL B 132 -0.05 -2.37 -27.13
C VAL B 132 0.05 -0.87 -27.28
N GLN B 133 1.19 -0.38 -27.77
CA GLN B 133 1.33 1.03 -28.06
C GLN B 133 0.57 1.35 -29.35
N THR B 134 -0.60 1.96 -29.24
CA THR B 134 -1.45 2.23 -30.40
C THR B 134 -1.26 3.66 -30.87
N THR B 135 -0.06 3.92 -31.38
CA THR B 135 0.29 5.30 -31.73
C THR B 135 -0.60 5.86 -32.83
N TRP B 136 -1.12 5.00 -33.72
CA TRP B 136 -1.96 5.45 -34.82
C TRP B 136 -3.30 6.00 -34.34
N LEU B 137 -3.66 5.80 -33.08
CA LEU B 137 -4.86 6.39 -32.49
C LEU B 137 -4.64 7.76 -31.91
N ASP B 138 -3.38 8.19 -31.76
CA ASP B 138 -3.10 9.49 -31.14
C ASP B 138 -3.77 10.60 -31.94
N GLY B 139 -4.37 11.55 -31.21
CA GLY B 139 -5.01 12.69 -31.84
C GLY B 139 -6.40 12.45 -32.35
N ARG B 140 -6.91 11.22 -32.28
CA ARG B 140 -8.27 10.91 -32.67
C ARG B 140 -9.13 10.42 -31.52
N HIS B 141 -8.52 9.90 -30.48
CA HIS B 141 -9.20 9.37 -29.31
C HIS B 141 -8.63 10.06 -28.09
N VAL B 142 -9.50 10.56 -27.22
CA VAL B 142 -9.06 11.30 -26.03
C VAL B 142 -8.61 10.31 -24.96
N VAL B 143 -7.32 10.38 -24.62
CA VAL B 143 -6.70 9.55 -23.58
C VAL B 143 -6.90 10.22 -22.23
N PHE B 144 -7.31 9.44 -21.22
CA PHE B 144 -7.64 10.06 -19.93
C PHE B 144 -7.28 9.22 -18.71
N GLY B 145 -6.68 8.04 -18.87
CA GLY B 145 -6.41 7.24 -17.69
C GLY B 145 -5.36 6.18 -17.97
N LYS B 146 -4.99 5.50 -16.89
CA LYS B 146 -3.93 4.49 -16.95
C LYS B 146 -4.23 3.38 -15.96
N VAL B 147 -4.02 2.12 -16.37
CA VAL B 147 -4.20 1.00 -15.46
C VAL B 147 -3.13 1.02 -14.38
N LEU B 148 -3.57 0.99 -13.12
CA LEU B 148 -2.66 0.99 -11.97
C LEU B 148 -2.41 -0.40 -11.41
N SER B 149 -3.38 -1.30 -11.56
CA SER B 149 -3.20 -2.68 -11.15
C SER B 149 -4.27 -3.49 -11.87
N GLY B 150 -4.07 -4.80 -11.90
CA GLY B 150 -4.97 -5.65 -12.65
C GLY B 150 -4.74 -5.66 -14.14
N MET B 151 -3.53 -5.31 -14.60
CA MET B 151 -3.25 -5.45 -16.02
C MET B 151 -3.35 -6.92 -16.45
N ASP B 152 -3.11 -7.86 -15.52
CA ASP B 152 -3.32 -9.27 -15.86
C ASP B 152 -4.79 -9.56 -16.19
N VAL B 153 -5.72 -8.84 -15.56
CA VAL B 153 -7.14 -9.00 -15.89
C VAL B 153 -7.43 -8.46 -17.28
N VAL B 154 -6.86 -7.30 -17.62
CA VAL B 154 -6.99 -6.75 -18.97
C VAL B 154 -6.52 -7.78 -20.00
N ARG B 155 -5.34 -8.37 -19.76
CA ARG B 155 -4.80 -9.34 -20.70
C ARG B 155 -5.61 -10.62 -20.76
N LYS B 156 -6.24 -11.01 -19.65
CA LYS B 156 -7.15 -12.16 -19.69
C LYS B 156 -8.35 -11.88 -20.59
N ILE B 157 -8.94 -10.70 -20.48
CA ILE B 157 -10.03 -10.30 -21.38
C ILE B 157 -9.54 -10.32 -22.82
N GLU B 158 -8.37 -9.75 -23.05
CA GLU B 158 -7.80 -9.63 -24.39
C GLU B 158 -7.69 -10.99 -25.07
N GLN B 159 -7.40 -12.05 -24.34
CA GLN B 159 -7.20 -13.36 -24.92
C GLN B 159 -8.48 -14.18 -25.03
N THR B 160 -9.62 -13.65 -24.61
CA THR B 160 -10.83 -14.45 -24.62
C THR B 160 -11.28 -14.72 -26.05
N SER B 161 -11.85 -15.91 -26.27
CA SER B 161 -12.30 -16.28 -27.60
C SER B 161 -13.41 -15.34 -28.10
N THR B 162 -13.32 -14.94 -29.37
CA THR B 162 -14.27 -14.01 -29.97
C THR B 162 -14.90 -14.60 -31.22
N HIS B 163 -16.12 -14.14 -31.52
CA HIS B 163 -16.80 -14.35 -32.78
C HIS B 163 -16.20 -13.45 -33.86
N PRO B 164 -16.44 -13.75 -35.14
CA PRO B 164 -16.14 -12.77 -36.17
C PRO B 164 -16.80 -11.44 -35.84
N GLY B 165 -16.05 -10.36 -36.01
CA GLY B 165 -16.50 -9.06 -35.55
C GLY B 165 -16.06 -8.70 -34.15
N ASP B 166 -15.33 -9.60 -33.48
CA ASP B 166 -14.54 -9.34 -32.27
C ASP B 166 -15.38 -9.27 -31.01
N ARG B 167 -16.56 -9.84 -31.02
CA ARG B 167 -17.39 -9.92 -29.83
C ARG B 167 -17.07 -11.19 -29.05
N PRO B 168 -16.77 -11.08 -27.76
CA PRO B 168 -16.45 -12.27 -26.96
C PRO B 168 -17.55 -13.30 -27.03
N LYS B 169 -17.15 -14.57 -27.16
CA LYS B 169 -18.12 -15.66 -27.16
C LYS B 169 -18.76 -15.81 -25.79
N GLN B 170 -17.97 -15.63 -24.74
CA GLN B 170 -18.48 -15.61 -23.37
C GLN B 170 -18.69 -14.17 -22.94
N SER B 171 -19.62 -13.97 -22.03
CA SER B 171 -19.93 -12.63 -21.55
C SER B 171 -18.81 -12.14 -20.63
N VAL B 172 -18.18 -11.03 -21.01
CA VAL B 172 -17.15 -10.36 -20.21
C VAL B 172 -17.83 -9.19 -19.53
N GLU B 173 -18.17 -9.34 -18.25
CA GLU B 173 -19.05 -8.40 -17.57
C GLU B 173 -18.30 -7.62 -16.50
N ILE B 174 -18.51 -6.30 -16.48
CA ILE B 174 -18.20 -5.48 -15.31
C ILE B 174 -19.26 -5.77 -14.26
N VAL B 175 -19.01 -6.75 -13.40
CA VAL B 175 -20.01 -7.16 -12.42
CA VAL B 175 -20.03 -7.15 -12.43
C VAL B 175 -20.17 -6.10 -11.33
N ASP B 176 -19.10 -5.38 -11.01
CA ASP B 176 -19.13 -4.32 -10.01
C ASP B 176 -18.12 -3.28 -10.43
N CYS B 177 -18.36 -2.04 -10.00
CA CYS B 177 -17.43 -0.96 -10.30
C CYS B 177 -17.74 0.23 -9.41
N GLY B 178 -16.79 1.15 -9.34
CA GLY B 178 -16.98 2.32 -8.51
C GLY B 178 -15.69 3.11 -8.40
N GLU B 179 -15.65 3.97 -7.39
CA GLU B 179 -14.51 4.85 -7.17
C GLU B 179 -13.81 4.45 -5.88
N LEU B 180 -12.47 4.51 -5.90
CA LEU B 180 -11.68 4.30 -4.70
C LEU B 180 -11.22 5.63 -4.12
N SER B 181 -11.08 5.68 -2.80
CA SER B 181 -10.53 6.85 -2.15
C SER B 181 -9.04 6.98 -2.49
N LEU B 182 -8.63 8.18 -2.86
CA LEU B 182 -7.23 8.49 -3.17
C LEU B 182 -6.76 9.53 -2.17
N ASP B 183 -5.79 9.15 -1.33
CA ASP B 183 -5.34 10.04 -0.25
C ASP B 183 -4.74 11.31 -0.81
N ALA B 184 -3.98 11.20 -1.90
CA ALA B 184 -3.29 12.35 -2.46
C ALA B 184 -2.98 12.05 -3.92
N PRO B 185 -3.01 13.05 -4.79
CA PRO B 185 -2.61 12.83 -6.17
C PRO B 185 -1.14 12.43 -6.24
N PHE B 186 -0.79 11.66 -7.28
CA PHE B 186 0.57 11.18 -7.42
C PHE B 186 0.92 11.10 -8.90
N ASP B 187 2.21 11.21 -9.21
CA ASP B 187 2.61 11.19 -10.61
C ASP B 187 2.92 9.78 -11.05
N THR B 188 2.62 9.48 -12.31
CA THR B 188 2.87 8.17 -12.90
C THR B 188 3.47 8.37 -14.29
N PRO B 189 4.38 7.48 -14.71
CA PRO B 189 5.08 7.68 -15.98
C PRO B 189 4.14 7.60 -17.18
N LYS B 190 4.45 8.42 -18.18
CA LYS B 190 3.82 8.34 -19.50
C LYS B 190 4.45 7.17 -20.28
N GLU B 191 4.21 5.96 -19.78
CA GLU B 191 4.85 4.77 -20.29
C GLU B 191 3.85 3.61 -20.24
N ALA B 192 4.15 2.57 -21.01
CA ALA B 192 3.37 1.35 -20.98
C ALA B 192 3.27 0.78 -19.56
N VAL B 193 2.12 0.16 -19.27
CA VAL B 193 1.93 -0.63 -18.07
C VAL B 193 2.50 -2.02 -18.29
N ALA B 194 3.42 -2.44 -17.44
CA ALA B 194 4.11 -3.72 -17.60
C ALA B 194 3.18 -4.90 -17.31
N LYS C 12 35.71 -1.59 10.46
CA LYS C 12 35.09 -2.37 9.40
C LYS C 12 34.49 -1.46 8.33
N GLU C 13 33.28 -1.78 7.88
CA GLU C 13 32.65 -1.02 6.82
C GLU C 13 32.28 0.37 7.31
N MET C 14 32.52 1.38 6.47
CA MET C 14 32.43 2.77 6.88
C MET C 14 31.35 3.51 6.10
N ALA C 15 30.90 4.62 6.67
CA ALA C 15 30.00 5.56 6.02
C ALA C 15 30.47 6.98 6.32
N THR C 16 30.38 7.86 5.32
CA THR C 16 30.99 9.18 5.40
C THR C 16 30.00 10.20 5.95
N VAL C 17 30.34 10.79 7.10
CA VAL C 17 29.54 11.87 7.68
C VAL C 17 29.86 13.17 6.97
N THR C 18 28.82 13.93 6.60
CA THR C 18 28.99 15.18 5.88
C THR C 18 28.39 16.40 6.57
N LYS C 19 27.40 16.22 7.45
CA LYS C 19 26.81 17.32 8.21
C LYS C 19 26.58 16.85 9.64
N LYS C 20 26.42 17.80 10.55
CA LYS C 20 26.12 17.49 11.94
C LYS C 20 24.98 18.37 12.42
N VAL C 21 24.09 17.80 13.22
CA VAL C 21 23.02 18.55 13.86
C VAL C 21 22.93 18.10 15.32
N TYR C 22 22.25 18.91 16.12
CA TYR C 22 22.13 18.63 17.54
C TYR C 22 20.68 18.79 17.98
N PHE C 23 20.30 18.00 18.97
CA PHE C 23 19.00 18.05 19.64
C PHE C 23 19.25 18.20 21.13
N ASP C 24 18.76 19.27 21.74
CA ASP C 24 18.85 19.46 23.18
C ASP C 24 17.53 19.04 23.81
N ILE C 25 17.58 18.06 24.71
CA ILE C 25 16.41 17.32 25.15
C ILE C 25 16.10 17.66 26.60
N ALA C 26 14.81 17.82 26.90
CA ALA C 26 14.32 17.87 28.27
C ALA C 26 13.14 16.91 28.42
N ILE C 27 13.01 16.35 29.62
CA ILE C 27 11.89 15.49 29.99
C ILE C 27 11.19 16.16 31.15
N GLY C 28 9.94 16.55 30.94
CA GLY C 28 9.32 17.46 31.88
C GLY C 28 10.14 18.73 31.89
N ASP C 29 10.73 19.05 33.05
CA ASP C 29 11.61 20.22 33.14
C ASP C 29 12.98 19.83 33.69
N LYS C 30 13.44 18.62 33.38
CA LYS C 30 14.81 18.21 33.68
C LYS C 30 15.61 18.22 32.39
N LYS C 31 16.69 19.01 32.36
CA LYS C 31 17.60 19.00 31.22
C LYS C 31 18.34 17.67 31.19
N ILE C 32 18.24 16.96 30.08
CA ILE C 32 18.88 15.65 29.93
C ILE C 32 20.23 15.77 29.23
N GLY C 33 20.29 16.53 28.15
CA GLY C 33 21.53 16.71 27.45
C GLY C 33 21.30 16.79 25.96
N ARG C 34 22.39 16.70 25.22
CA ARG C 34 22.39 16.92 23.79
C ARG C 34 22.61 15.60 23.06
N ILE C 35 21.82 15.38 22.01
CA ILE C 35 22.07 14.32 21.04
C ILE C 35 22.75 14.97 19.85
N GLU C 36 23.96 14.52 19.55
CA GLU C 36 24.70 14.99 18.38
C GLU C 36 24.58 13.94 17.29
N ILE C 37 24.15 14.35 16.09
CA ILE C 37 23.81 13.44 15.02
C ILE C 37 24.66 13.75 13.80
N GLY C 38 25.30 12.73 13.25
CA GLY C 38 26.02 12.86 11.99
C GLY C 38 25.14 12.36 10.86
N LEU C 39 25.17 13.09 9.74
CA LEU C 39 24.28 12.84 8.62
C LEU C 39 25.10 12.39 7.41
N PHE C 40 24.58 11.39 6.69
CA PHE C 40 25.30 10.79 5.56
C PHE C 40 24.83 11.41 4.24
N GLY C 41 25.24 12.67 4.03
CA GLY C 41 24.81 13.41 2.85
C GLY C 41 25.37 12.88 1.55
N ASN C 42 26.43 12.07 1.59
CA ASN C 42 26.91 11.44 0.38
C ASN C 42 26.07 10.25 -0.02
N ASP C 43 25.39 9.61 0.94
CA ASP C 43 24.57 8.45 0.69
C ASP C 43 23.11 8.83 0.40
N VAL C 44 22.53 9.68 1.23
CA VAL C 44 21.15 10.10 1.06
C VAL C 44 21.09 11.63 1.12
N PRO C 45 21.60 12.33 0.10
CA PRO C 45 21.69 13.80 0.20
C PRO C 45 20.35 14.48 0.35
N LYS C 46 19.31 14.01 -0.33
CA LYS C 46 18.02 14.69 -0.26
C LYS C 46 17.38 14.50 1.11
N THR C 47 17.47 13.28 1.66
CA THR C 47 16.95 13.01 2.99
C THR C 47 17.74 13.78 4.05
N VAL C 48 19.06 13.88 3.86
CA VAL C 48 19.89 14.60 4.82
C VAL C 48 19.54 16.08 4.81
N GLU C 49 19.41 16.66 3.62
CA GLU C 49 19.13 18.09 3.53
C GLU C 49 17.80 18.43 4.22
N ASN C 50 16.78 17.58 4.03
CA ASN C 50 15.51 17.78 4.72
C ASN C 50 15.71 17.82 6.24
N PHE C 51 16.39 16.81 6.79
CA PHE C 51 16.59 16.73 8.23
C PHE C 51 17.37 17.93 8.72
N ARG C 52 18.43 18.30 7.99
CA ARG C 52 19.28 19.42 8.37
C ARG C 52 18.48 20.72 8.40
N ALA C 53 17.67 20.95 7.36
CA ALA C 53 16.88 22.19 7.30
C ALA C 53 15.82 22.23 8.40
N LEU C 54 15.21 21.08 8.70
CA LEU C 54 14.23 21.05 9.78
C LEU C 54 14.89 21.26 11.14
N ALA C 55 16.15 20.85 11.28
CA ALA C 55 16.87 21.07 12.53
C ALA C 55 17.20 22.55 12.73
N THR C 56 17.56 23.27 11.65
CA THR C 56 17.88 24.68 11.78
C THR C 56 16.65 25.56 11.80
N GLY C 57 15.53 25.09 11.23
CA GLY C 57 14.33 25.88 11.14
C GLY C 57 14.35 26.95 10.06
N GLU C 58 15.31 26.88 9.14
CA GLU C 58 15.56 27.96 8.18
C GLU C 58 14.43 28.12 7.17
N LYS C 59 13.53 27.15 7.04
CA LYS C 59 12.38 27.29 6.15
C LYS C 59 11.19 27.93 6.85
N GLY C 60 11.29 28.24 8.14
CA GLY C 60 10.19 28.80 8.89
C GLY C 60 9.42 27.79 9.71
N PHE C 61 9.87 26.54 9.74
CA PHE C 61 9.27 25.49 10.55
C PHE C 61 10.35 24.43 10.77
N GLY C 62 10.11 23.57 11.76
CA GLY C 62 11.06 22.50 12.01
C GLY C 62 10.86 21.88 13.38
N TYR C 63 11.92 21.22 13.85
CA TYR C 63 11.87 20.35 15.02
C TYR C 63 11.84 21.10 16.34
N LYS C 64 12.28 22.34 16.39
CA LYS C 64 12.41 23.04 17.67
C LYS C 64 11.06 23.11 18.36
N GLY C 65 11.01 22.63 19.60
CA GLY C 65 9.78 22.60 20.37
C GLY C 65 8.95 21.34 20.18
N SER C 66 9.29 20.49 19.21
CA SER C 66 8.53 19.27 19.02
C SER C 66 8.95 18.22 20.03
N LYS C 67 8.20 17.11 20.08
CA LYS C 67 8.37 16.12 21.13
C LYS C 67 8.60 14.74 20.53
N PHE C 68 9.13 13.85 21.37
CA PHE C 68 9.14 12.42 21.07
C PHE C 68 7.84 11.84 21.59
N HIS C 69 6.95 11.45 20.68
CA HIS C 69 5.58 11.05 21.00
C HIS C 69 5.41 9.54 21.09
N ARG C 70 6.40 8.76 20.67
CA ARG C 70 6.28 7.31 20.66
C ARG C 70 7.62 6.75 21.08
N VAL C 71 7.65 6.11 22.24
CA VAL C 71 8.88 5.56 22.79
C VAL C 71 8.60 4.12 23.17
N ILE C 72 9.43 3.20 22.68
CA ILE C 72 9.25 1.78 22.95
C ILE C 72 10.60 1.24 23.41
N LYS C 73 10.66 0.83 24.67
CA LYS C 73 11.89 0.29 25.24
C LYS C 73 12.36 -0.91 24.44
N ASP C 74 13.69 -1.02 24.28
CA ASP C 74 14.31 -2.12 23.54
C ASP C 74 13.89 -2.11 22.08
N PHE C 75 13.67 -0.93 21.51
CA PHE C 75 13.23 -0.78 20.13
C PHE C 75 13.72 0.54 19.55
N MET C 76 13.01 1.63 19.81
CA MET C 76 13.35 2.91 19.19
C MET C 76 12.58 4.03 19.90
N ILE C 77 13.02 5.26 19.66
CA ILE C 77 12.28 6.45 20.06
C ILE C 77 11.96 7.24 18.80
N GLN C 78 10.75 7.78 18.73
CA GLN C 78 10.27 8.41 17.51
C GLN C 78 9.78 9.83 17.80
N GLY C 79 10.11 10.75 16.90
CA GLY C 79 9.65 12.12 17.03
C GLY C 79 9.51 12.79 15.68
N GLY C 80 9.51 14.13 15.67
CA GLY C 80 9.54 14.87 14.43
C GLY C 80 8.17 15.32 13.92
N ASP C 81 7.09 15.03 14.64
CA ASP C 81 5.76 15.49 14.23
C ASP C 81 5.55 16.87 14.83
N PHE C 82 6.03 17.89 14.14
CA PHE C 82 5.93 19.26 14.63
C PHE C 82 4.66 19.98 14.17
N THR C 83 3.69 19.27 13.62
CA THR C 83 2.41 19.91 13.28
C THR C 83 1.23 19.34 14.06
N ARG C 84 1.28 18.08 14.47
CA ARG C 84 0.21 17.50 15.28
C ARG C 84 0.70 16.81 16.53
N GLY C 85 1.97 16.44 16.63
CA GLY C 85 2.52 15.85 17.83
C GLY C 85 2.00 14.48 18.21
N ASP C 86 1.27 13.81 17.32
CA ASP C 86 0.70 12.50 17.64
C ASP C 86 1.10 11.41 16.67
N GLY C 87 1.98 11.68 15.71
CA GLY C 87 2.35 10.71 14.72
C GLY C 87 1.58 10.79 13.41
N THR C 88 0.59 11.68 13.32
CA THR C 88 -0.15 11.86 12.08
C THR C 88 0.33 13.06 11.28
N GLY C 89 1.23 13.89 11.83
CA GLY C 89 1.59 15.15 11.23
C GLY C 89 3.03 15.18 10.74
N GLY C 90 3.50 16.38 10.48
CA GLY C 90 4.83 16.58 9.93
C GLY C 90 4.79 16.86 8.44
N LYS C 91 5.90 17.43 7.95
CA LYS C 91 6.03 17.74 6.54
C LYS C 91 7.51 17.94 6.25
N SER C 92 7.89 17.72 4.99
CA SER C 92 9.26 17.90 4.56
C SER C 92 9.43 19.29 3.94
N ILE C 93 10.70 19.64 3.69
CA ILE C 93 11.01 20.88 3.00
C ILE C 93 10.68 20.82 1.52
N TYR C 94 10.34 19.63 1.01
CA TYR C 94 9.99 19.46 -0.39
C TYR C 94 8.49 19.43 -0.64
N GLY C 95 7.69 19.52 0.41
CA GLY C 95 6.27 19.26 0.36
C GLY C 95 5.88 18.32 1.46
N ASP C 96 4.60 17.95 1.46
CA ASP C 96 4.10 17.10 2.54
C ASP C 96 4.84 15.78 2.62
N ARG C 97 5.14 15.17 1.47
CA ARG C 97 5.81 13.87 1.43
C ARG C 97 6.87 13.88 0.35
N PHE C 98 7.92 13.07 0.53
CA PHE C 98 8.86 12.83 -0.56
C PHE C 98 9.25 11.35 -0.59
N GLU C 99 9.80 10.94 -1.72
CA GLU C 99 10.00 9.53 -2.00
C GLU C 99 11.12 8.95 -1.14
N ASP C 100 11.11 7.62 -1.01
CA ASP C 100 12.22 6.91 -0.38
C ASP C 100 13.45 7.06 -1.26
N GLU C 101 14.48 7.75 -0.76
CA GLU C 101 15.62 8.09 -1.60
C GLU C 101 16.37 6.84 -2.04
N ASN C 102 16.73 6.00 -1.08
CA ASN C 102 17.31 4.68 -1.33
C ASN C 102 17.37 3.99 0.02
N PHE C 103 17.72 2.71 0.01
CA PHE C 103 17.89 1.96 1.24
C PHE C 103 19.31 1.39 1.32
N LYS C 104 20.29 2.19 0.87
CA LYS C 104 21.67 1.74 0.90
C LYS C 104 22.16 1.52 2.33
N LEU C 105 21.70 2.35 3.27
CA LEU C 105 22.11 2.23 4.66
C LEU C 105 21.09 1.40 5.43
N LYS C 106 21.60 0.56 6.34
CA LYS C 106 20.77 -0.33 7.14
C LYS C 106 20.72 0.16 8.59
N HIS C 107 19.83 -0.46 9.36
CA HIS C 107 19.71 -0.18 10.79
C HIS C 107 20.72 -1.05 11.53
N TYR C 108 21.98 -0.60 11.51
CA TYR C 108 23.08 -1.48 11.92
C TYR C 108 23.05 -1.82 13.40
N GLY C 109 22.47 -0.96 14.22
CA GLY C 109 22.43 -1.18 15.65
C GLY C 109 21.80 0.00 16.34
N ALA C 110 21.97 0.05 17.66
CA ALA C 110 21.53 1.22 18.41
C ALA C 110 22.16 2.49 17.84
N GLY C 111 21.40 3.58 17.90
CA GLY C 111 21.93 4.89 17.60
C GLY C 111 21.88 5.32 16.15
N TRP C 112 21.05 4.68 15.33
CA TRP C 112 20.95 5.03 13.92
C TRP C 112 19.65 5.79 13.66
N LEU C 113 19.73 6.80 12.79
CA LEU C 113 18.63 7.70 12.49
C LEU C 113 17.97 7.25 11.20
N SER C 114 16.64 7.15 11.22
CA SER C 114 15.89 6.60 10.10
C SER C 114 14.55 7.32 10.01
N MET C 115 14.00 7.38 8.79
CA MET C 115 12.76 8.11 8.56
C MET C 115 11.56 7.22 8.91
N ALA C 116 10.68 7.74 9.75
CA ALA C 116 9.38 7.14 9.91
C ALA C 116 8.55 7.52 8.69
N ASN C 117 7.64 6.65 8.31
CA ASN C 117 6.83 6.96 7.16
C ASN C 117 5.44 6.39 7.40
N ALA C 118 4.61 6.48 6.39
CA ALA C 118 3.26 5.96 6.44
C ALA C 118 3.00 5.12 5.20
N GLY C 119 4.01 4.38 4.76
CA GLY C 119 3.94 3.63 3.53
C GLY C 119 5.05 4.05 2.58
N LYS C 120 5.01 3.46 1.39
CA LYS C 120 6.08 3.72 0.43
C LYS C 120 6.05 5.17 -0.04
N ASP C 121 7.22 5.80 -0.09
CA ASP C 121 7.40 7.15 -0.62
C ASP C 121 6.50 8.16 0.11
N THR C 122 6.49 8.09 1.44
CA THR C 122 5.72 9.00 2.27
C THR C 122 6.58 9.60 3.38
N ASN C 123 7.83 9.91 3.06
CA ASN C 123 8.70 10.56 4.05
C ASN C 123 8.25 12.00 4.26
N GLY C 124 8.15 12.41 5.53
CA GLY C 124 7.81 13.77 5.85
C GLY C 124 8.86 14.40 6.74
N SER C 125 8.56 14.50 8.03
CA SER C 125 9.54 14.96 9.01
C SER C 125 9.76 13.99 10.15
N GLN C 126 8.88 13.01 10.35
CA GLN C 126 9.02 12.11 11.48
C GLN C 126 10.19 11.18 11.28
N PHE C 127 10.92 10.94 12.36
CA PHE C 127 12.14 10.15 12.35
C PHE C 127 12.16 9.30 13.60
N PHE C 128 13.03 8.31 13.61
CA PHE C 128 13.27 7.61 14.86
C PHE C 128 14.76 7.35 15.02
N ILE C 129 15.14 7.07 16.25
CA ILE C 129 16.49 6.70 16.62
C ILE C 129 16.39 5.30 17.21
N THR C 130 17.09 4.35 16.60
CA THR C 130 17.06 2.99 17.11
C THR C 130 17.78 2.91 18.44
N THR C 131 17.36 1.95 19.28
CA THR C 131 18.09 1.60 20.48
C THR C 131 18.57 0.15 20.46
N VAL C 132 18.20 -0.61 19.44
CA VAL C 132 18.66 -1.96 19.19
C VAL C 132 18.88 -2.09 17.68
N GLN C 133 19.48 -3.21 17.27
CA GLN C 133 19.57 -3.51 15.84
C GLN C 133 18.19 -3.92 15.32
N THR C 134 17.52 -3.00 14.63
CA THR C 134 16.17 -3.23 14.14
C THR C 134 16.22 -3.73 12.70
N THR C 135 16.64 -4.99 12.55
CA THR C 135 16.87 -5.53 11.21
C THR C 135 15.59 -5.56 10.38
N TRP C 136 14.44 -5.77 11.04
CA TRP C 136 13.17 -5.86 10.33
C TRP C 136 12.73 -4.52 9.74
N LEU C 137 13.42 -3.42 10.07
CA LEU C 137 13.13 -2.14 9.45
C LEU C 137 13.91 -1.91 8.17
N ASP C 138 14.93 -2.73 7.89
CA ASP C 138 15.75 -2.53 6.70
C ASP C 138 14.91 -2.62 5.44
N GLY C 139 15.20 -1.77 4.47
CA GLY C 139 14.51 -1.80 3.19
C GLY C 139 13.16 -1.12 3.17
N ARG C 140 12.63 -0.68 4.31
CA ARG C 140 11.38 0.07 4.34
C ARG C 140 11.51 1.46 4.94
N HIS C 141 12.57 1.73 5.69
CA HIS C 141 12.81 3.04 6.28
C HIS C 141 14.17 3.53 5.86
N VAL C 142 14.24 4.77 5.38
CA VAL C 142 15.48 5.31 4.84
C VAL C 142 16.36 5.76 6.00
N VAL C 143 17.51 5.10 6.14
CA VAL C 143 18.51 5.44 7.15
C VAL C 143 19.38 6.56 6.63
N PHE C 144 19.66 7.55 7.49
CA PHE C 144 20.37 8.74 7.05
C PHE C 144 21.30 9.35 8.08
N GLY C 145 21.42 8.76 9.28
CA GLY C 145 22.25 9.39 10.29
C GLY C 145 22.60 8.45 11.43
N LYS C 146 23.55 8.91 12.24
CA LYS C 146 24.07 8.12 13.35
C LYS C 146 24.38 9.04 14.52
N VAL C 147 24.02 8.60 15.73
CA VAL C 147 24.34 9.35 16.93
C VAL C 147 25.86 9.37 17.13
N LEU C 148 26.41 10.57 17.23
CA LEU C 148 27.86 10.74 17.43
C LEU C 148 28.22 10.99 18.90
N SER C 149 27.33 11.61 19.66
CA SER C 149 27.50 11.73 21.10
C SER C 149 26.13 11.92 21.71
N GLY C 150 26.03 11.66 23.01
CA GLY C 150 24.76 11.73 23.68
C GLY C 150 23.89 10.50 23.51
N MET C 151 24.47 9.35 23.16
CA MET C 151 23.68 8.13 23.16
C MET C 151 23.05 7.88 24.53
N ASP C 152 23.70 8.33 25.61
CA ASP C 152 23.12 8.19 26.93
C ASP C 152 21.83 9.01 27.08
N VAL C 153 21.70 10.09 26.31
CA VAL C 153 20.46 10.86 26.30
C VAL C 153 19.37 10.08 25.57
N VAL C 154 19.70 9.48 24.43
CA VAL C 154 18.75 8.61 23.75
C VAL C 154 18.23 7.53 24.70
N ARG C 155 19.13 6.91 25.47
CA ARG C 155 18.75 5.83 26.36
C ARG C 155 17.92 6.33 27.54
N LYS C 156 18.12 7.57 27.96
CA LYS C 156 17.24 8.16 28.96
C LYS C 156 15.84 8.34 28.41
N ILE C 157 15.72 8.83 27.17
CA ILE C 157 14.39 8.94 26.57
C ILE C 157 13.74 7.57 26.49
N GLU C 158 14.51 6.56 26.10
CA GLU C 158 13.95 5.23 25.86
C GLU C 158 13.35 4.65 27.12
N GLN C 159 13.86 5.02 28.28
CA GLN C 159 13.39 4.47 29.55
C GLN C 159 12.33 5.32 30.23
N THR C 160 11.88 6.41 29.62
CA THR C 160 10.92 7.27 30.28
C THR C 160 9.56 6.58 30.36
N SER C 161 8.83 6.87 31.45
CA SER C 161 7.54 6.23 31.66
C SER C 161 6.56 6.61 30.57
N THR C 162 5.86 5.61 30.03
CA THR C 162 4.92 5.83 28.94
C THR C 162 3.53 5.33 29.31
N HIS C 163 2.52 5.95 28.68
CA HIS C 163 1.17 5.42 28.75
C HIS C 163 1.07 4.19 27.85
N PRO C 164 0.07 3.34 28.07
CA PRO C 164 -0.27 2.34 27.06
C PRO C 164 -0.49 3.04 25.71
N GLY C 165 0.11 2.50 24.68
CA GLY C 165 0.20 3.20 23.41
C GLY C 165 1.52 3.90 23.18
N ASP C 166 2.38 3.93 24.19
CA ASP C 166 3.80 4.30 24.12
C ASP C 166 4.06 5.79 24.08
N ARG C 167 3.08 6.62 24.42
CA ARG C 167 3.32 8.06 24.55
C ARG C 167 3.93 8.35 25.91
N PRO C 168 5.06 9.04 25.98
CA PRO C 168 5.67 9.36 27.28
C PRO C 168 4.71 10.10 28.18
N LYS C 169 4.68 9.71 29.46
CA LYS C 169 3.85 10.42 30.43
C LYS C 169 4.32 11.85 30.65
N GLN C 170 5.63 12.07 30.61
CA GLN C 170 6.20 13.41 30.70
C GLN C 170 6.63 13.88 29.32
N SER C 171 6.61 15.19 29.13
CA SER C 171 6.89 15.77 27.82
C SER C 171 8.39 15.67 27.52
N VAL C 172 8.72 14.90 26.48
CA VAL C 172 10.09 14.74 26.01
C VAL C 172 10.28 15.73 24.86
N GLU C 173 10.86 16.88 25.17
CA GLU C 173 10.86 18.00 24.23
C GLU C 173 12.25 18.26 23.67
N ILE C 174 12.30 18.53 22.37
CA ILE C 174 13.49 19.08 21.74
C ILE C 174 13.44 20.58 21.99
N VAL C 175 14.07 21.02 23.09
CA VAL C 175 13.95 22.41 23.50
C VAL C 175 14.77 23.31 22.59
N ASP C 176 15.83 22.78 22.00
CA ASP C 176 16.65 23.55 21.08
C ASP C 176 17.30 22.57 20.11
N CYS C 177 17.56 23.04 18.90
CA CYS C 177 18.20 22.19 17.90
C CYS C 177 18.78 23.08 16.81
N GLY C 178 19.68 22.50 16.03
CA GLY C 178 20.32 23.26 14.98
C GLY C 178 21.43 22.46 14.33
N GLU C 179 22.19 23.16 13.50
CA GLU C 179 23.31 22.58 12.78
C GLU C 179 24.62 23.02 13.43
N LEU C 180 25.63 22.15 13.35
CA LEU C 180 26.96 22.44 13.84
C LEU C 180 27.94 22.46 12.67
N SER C 181 28.97 23.30 12.79
CA SER C 181 29.99 23.36 11.76
C SER C 181 30.76 22.04 11.71
N LEU C 182 31.08 21.60 10.49
CA LEU C 182 31.85 20.39 10.27
C LEU C 182 32.98 20.71 9.29
N ASP C 183 34.19 20.89 9.83
CA ASP C 183 35.30 21.38 9.01
C ASP C 183 35.64 20.41 7.87
N ALA C 184 35.40 19.12 8.06
CA ALA C 184 35.73 18.14 7.04
C ALA C 184 34.84 16.92 7.21
N PRO C 185 34.53 16.21 6.13
CA PRO C 185 33.82 14.94 6.27
C PRO C 185 34.73 13.88 6.86
N PHE C 186 34.13 12.97 7.63
CA PHE C 186 34.90 11.91 8.28
C PHE C 186 34.09 10.62 8.23
N ASP C 187 34.81 9.51 8.36
CA ASP C 187 34.19 8.19 8.31
C ASP C 187 33.85 7.70 9.72
N THR C 188 32.77 6.91 9.80
CA THR C 188 32.29 6.33 11.04
C THR C 188 31.81 4.91 10.74
N PRO C 189 31.99 3.98 11.69
CA PRO C 189 31.68 2.57 11.40
C PRO C 189 30.19 2.33 11.21
N LYS C 190 29.87 1.38 10.32
CA LYS C 190 28.49 0.93 10.14
C LYS C 190 28.16 -0.10 11.23
N GLU C 191 28.15 0.38 12.46
CA GLU C 191 28.00 -0.46 13.63
C GLU C 191 27.15 0.26 14.65
N ALA C 192 26.75 -0.47 15.69
CA ALA C 192 25.97 0.10 16.77
C ALA C 192 26.77 1.14 17.55
N VAL C 193 26.06 2.12 18.09
CA VAL C 193 26.63 3.13 18.95
C VAL C 193 26.64 2.60 20.38
N ALA C 194 27.81 2.66 21.03
CA ALA C 194 27.96 2.16 22.38
C ALA C 194 27.60 3.23 23.41
C1 EDO D . -4.40 -14.00 19.33
O1 EDO D . -3.46 -13.51 18.37
C2 EDO D . -5.75 -14.30 18.67
O2 EDO D . -5.72 -15.61 18.09
C1 EDO E . 0.92 -12.78 15.26
O1 EDO E . -0.49 -12.63 15.45
C2 EDO E . 1.67 -11.62 15.91
O2 EDO E . 1.72 -11.76 17.35
C1 EDO F . -6.59 -9.51 -9.89
O1 EDO F . -7.12 -10.80 -10.20
C2 EDO F . -7.07 -9.02 -8.51
O2 EDO F . -8.49 -8.89 -8.47
S SO4 G . -13.25 -1.54 -2.18
O1 SO4 G . -12.40 -2.67 -2.52
O2 SO4 G . -13.98 -1.75 -0.93
O3 SO4 G . -14.21 -1.32 -3.25
O4 SO4 G . -12.38 -0.38 -2.01
S SO4 H . -14.27 -10.37 -9.17
O1 SO4 H . -15.43 -10.23 -10.07
O2 SO4 H . -14.75 -10.53 -7.79
O3 SO4 H . -13.54 -11.53 -9.61
O4 SO4 H . -13.40 -9.21 -9.20
C1 EDO I . -10.62 1.76 -30.26
O1 EDO I . -12.04 1.89 -30.12
C2 EDO I . -10.20 2.33 -31.60
O2 EDO I . -10.81 1.57 -32.65
S SO4 J . 9.28 -6.48 18.19
O1 SO4 J . 8.48 -7.59 18.73
O2 SO4 J . 9.73 -5.61 19.27
O3 SO4 J . 8.46 -5.70 17.25
O4 SO4 J . 10.44 -7.05 17.50
C1 EDO K . 9.43 3.26 13.95
O1 EDO K . 8.80 4.05 12.93
C2 EDO K . 9.16 1.79 13.73
O2 EDO K . 7.75 1.47 13.83
C1 EDO L . 0.59 22.89 9.48
O1 EDO L . 1.35 22.71 8.27
C2 EDO L . -0.35 24.07 9.31
O2 EDO L . 0.34 25.16 8.67
S SO4 M . 20.23 20.65 27.50
O1 SO4 M . 20.79 20.21 28.77
O2 SO4 M . 18.83 20.24 27.42
O3 SO4 M . 20.98 20.03 26.40
O4 SO4 M . 20.34 22.10 27.39
#